data_6HXY
#
_entry.id   6HXY
#
_cell.length_a   93.088
_cell.length_b   100.560
_cell.length_c   135.759
_cell.angle_alpha   90.00
_cell.angle_beta   90.00
_cell.angle_gamma   90.00
#
_symmetry.space_group_name_H-M   'C 2 2 21'
#
loop_
_entity.id
_entity.type
_entity.pdbx_description
1 polymer 'Coiled-coil domain-containing protein 61'
2 water water
#
_entity_poly.entity_id   1
_entity_poly.type   'polypeptide(L)'
_entity_poly.pdbx_seq_one_letter_code
;GGSMEVGTVVQEEMKFRGSEFAVKVEMAERLLIVEISDVVTADQWRGEFGPAYIEDLTRKTGNFKQFPVFCSMLESAVHK
SSDSVTLDLLTYSDLELLRNRKAGVVGRPRAQPQSPALSAKRYLILIYTVEFDRIHYPLPLPYLGKPDPAELQKEIRALR
SELKTLGLRGDHK
;
_entity_poly.pdbx_strand_id   A,B
#
# COMPACT_ATOMS: atom_id res chain seq x y z
N VAL A 6 26.91 9.49 -3.95
CA VAL A 6 25.67 9.39 -4.73
C VAL A 6 24.65 8.54 -3.99
N GLY A 7 23.43 8.48 -4.50
CA GLY A 7 22.39 7.64 -3.92
C GLY A 7 21.72 8.22 -2.69
N THR A 8 22.30 9.26 -2.11
CA THR A 8 21.72 9.96 -0.97
C THR A 8 20.25 10.32 -1.18
N VAL A 9 19.44 10.07 -0.16
CA VAL A 9 18.02 10.28 -0.25
C VAL A 9 17.57 11.13 0.93
N VAL A 10 16.69 12.09 0.69
CA VAL A 10 16.07 12.77 1.82
C VAL A 10 14.58 12.66 1.63
N GLN A 11 13.91 12.37 2.74
CA GLN A 11 12.43 12.30 2.76
C GLN A 11 11.94 13.17 3.91
N GLU A 12 11.07 14.14 3.62
CA GLU A 12 10.46 14.90 4.70
C GLU A 12 9.04 15.27 4.36
N GLU A 13 8.29 15.64 5.39
CA GLU A 13 6.93 16.13 5.23
C GLU A 13 6.93 17.64 5.24
N MET A 14 6.13 18.24 4.38
CA MET A 14 6.05 19.70 4.35
C MET A 14 4.71 20.16 3.80
N LYS A 15 4.29 21.34 4.25
CA LYS A 15 3.03 21.90 3.81
C LYS A 15 3.26 22.85 2.64
N PHE A 16 2.37 22.78 1.65
CA PHE A 16 2.39 23.69 0.51
C PHE A 16 1.00 24.25 0.23
N ARG A 17 0.78 25.49 0.65
CA ARG A 17 -0.47 26.20 0.37
C ARG A 17 -1.68 25.41 0.84
N GLY A 18 -1.64 24.99 2.10
CA GLY A 18 -2.78 24.36 2.75
C GLY A 18 -2.96 22.88 2.48
N SER A 19 -1.86 22.16 2.34
CA SER A 19 -1.93 20.73 2.05
C SER A 19 -0.60 20.05 2.41
N GLU A 20 -0.68 18.76 2.77
CA GLU A 20 0.47 18.00 3.24
C GLU A 20 1.09 17.16 2.15
N PHE A 21 2.40 17.27 2.00
CA PHE A 21 3.11 16.59 0.93
C PHE A 21 4.30 15.77 1.41
N ALA A 22 4.49 14.62 0.79
CA ALA A 22 5.66 13.80 1.05
C ALA A 22 6.69 14.10 -0.02
N VAL A 23 7.78 14.75 0.37
CA VAL A 23 8.77 15.10 -0.63
C VAL A 23 9.98 14.20 -0.47
N LYS A 24 10.35 13.56 -1.57
CA LYS A 24 11.51 12.69 -1.60
C LYS A 24 12.41 13.19 -2.72
N VAL A 25 13.67 13.43 -2.37
CA VAL A 25 14.67 13.88 -3.33
C VAL A 25 15.80 12.87 -3.24
N GLU A 26 16.36 12.50 -4.38
CA GLU A 26 17.35 11.43 -4.43
C GLU A 26 18.37 11.72 -5.50
N MET A 27 19.64 11.84 -5.11
CA MET A 27 20.70 12.16 -6.06
C MET A 27 21.50 10.94 -6.45
N ALA A 28 21.21 10.40 -7.63
CA ALA A 28 22.04 9.41 -8.26
C ALA A 28 23.21 10.11 -8.93
N GLU A 29 24.13 9.34 -9.49
CA GLU A 29 25.16 9.93 -10.34
C GLU A 29 24.49 10.43 -11.62
N ARG A 30 24.70 11.70 -11.92
CA ARG A 30 24.20 12.32 -13.15
C ARG A 30 22.67 12.32 -13.29
N LEU A 31 21.96 12.30 -12.16
CA LEU A 31 20.49 12.31 -12.20
C LEU A 31 19.88 12.74 -10.87
N LEU A 32 19.02 13.75 -10.92
CA LEU A 32 18.26 14.20 -9.76
C LEU A 32 16.83 13.72 -9.86
N ILE A 33 16.34 13.10 -8.80
CA ILE A 33 14.98 12.57 -8.83
C ILE A 33 14.19 13.24 -7.74
N VAL A 34 13.05 13.82 -8.11
CA VAL A 34 12.18 14.49 -7.14
C VAL A 34 10.79 13.91 -7.23
N GLU A 35 10.29 13.37 -6.12
CA GLU A 35 8.94 12.83 -6.07
C GLU A 35 8.13 13.56 -5.01
N ILE A 36 6.87 13.80 -5.34
CA ILE A 36 5.96 14.51 -4.45
C ILE A 36 4.63 13.78 -4.41
N SER A 37 4.17 13.47 -3.20
CA SER A 37 2.88 12.81 -3.02
C SER A 37 2.00 13.58 -2.05
N ASP A 38 0.74 13.79 -2.40
CA ASP A 38 -0.24 14.35 -1.48
C ASP A 38 -0.59 13.28 -0.45
N VAL A 39 -0.12 13.43 0.79
CA VAL A 39 -0.24 12.37 1.80
C VAL A 39 -1.69 11.97 2.04
N VAL A 40 -2.61 12.84 1.64
CA VAL A 40 -4.03 12.64 1.81
C VAL A 40 -4.68 12.01 0.58
N THR A 41 -4.53 12.65 -0.57
CA THR A 41 -5.22 12.17 -1.77
C THR A 41 -4.38 11.14 -2.53
N ALA A 42 -3.14 10.96 -2.09
CA ALA A 42 -2.21 10.00 -2.70
C ALA A 42 -1.95 10.32 -4.17
N ASP A 43 -2.04 11.60 -4.52
CA ASP A 43 -1.69 12.05 -5.85
C ASP A 43 -0.19 12.16 -5.96
N GLN A 44 0.38 11.67 -7.05
CA GLN A 44 1.83 11.62 -7.16
C GLN A 44 2.40 12.33 -8.38
N TRP A 45 3.44 13.15 -8.13
CA TRP A 45 4.19 13.85 -9.18
C TRP A 45 5.66 13.46 -9.16
N ARG A 46 6.30 13.46 -10.31
CA ARG A 46 7.67 12.99 -10.35
C ARG A 46 8.51 13.62 -11.45
N GLY A 47 9.70 14.08 -11.09
CA GLY A 47 10.66 14.62 -12.03
C GLY A 47 11.99 13.91 -11.99
N GLU A 48 12.63 13.80 -13.16
CA GLU A 48 13.98 13.28 -13.24
C GLU A 48 14.82 14.21 -14.10
N PHE A 49 15.84 14.82 -13.50
CA PHE A 49 16.62 15.85 -14.14
C PHE A 49 18.09 15.52 -14.23
N GLY A 50 18.69 15.79 -15.39
CA GLY A 50 20.10 15.50 -15.56
C GLY A 50 20.96 16.71 -15.27
N PRO A 51 22.28 16.52 -15.27
CA PRO A 51 23.19 17.63 -14.94
C PRO A 51 23.05 18.75 -15.94
N ALA A 52 23.18 18.42 -17.23
CA ALA A 52 23.03 19.37 -18.34
C ALA A 52 21.74 20.17 -18.25
N TYR A 53 20.63 19.48 -17.98
CA TYR A 53 19.36 20.19 -17.80
C TYR A 53 19.36 21.16 -16.62
N ILE A 54 19.93 20.74 -15.50
CA ILE A 54 19.89 21.55 -14.29
C ILE A 54 20.77 22.80 -14.44
N GLU A 55 21.92 22.64 -15.10
CA GLU A 55 22.83 23.77 -15.25
C GLU A 55 22.27 24.76 -16.28
N ASP A 56 21.66 24.21 -17.32
CA ASP A 56 20.99 25.01 -18.39
C ASP A 56 19.85 25.79 -17.74
N LEU A 57 19.16 25.18 -16.79
CA LEU A 57 18.04 25.81 -16.12
C LEU A 57 18.45 26.99 -15.20
N THR A 58 19.58 26.86 -14.54
CA THR A 58 19.89 27.79 -13.47
C THR A 58 20.43 29.07 -14.08
N ARG A 59 21.16 28.90 -15.17
CA ARG A 59 21.66 30.03 -15.93
C ARG A 59 20.47 30.84 -16.45
N LYS A 60 19.54 30.14 -17.13
CA LYS A 60 18.34 30.72 -17.72
C LYS A 60 17.67 31.67 -16.76
N THR A 61 17.63 31.28 -15.51
CA THR A 61 16.98 32.03 -14.44
C THR A 61 17.87 33.16 -13.97
N GLY A 62 19.16 33.11 -14.29
CA GLY A 62 20.04 34.18 -13.89
C GLY A 62 21.24 33.79 -13.06
N ASN A 63 21.00 32.98 -12.03
CA ASN A 63 22.06 32.54 -11.14
C ASN A 63 22.36 31.05 -11.29
N PHE A 64 23.18 30.73 -12.29
CA PHE A 64 23.64 29.37 -12.50
C PHE A 64 24.30 28.75 -11.28
N LYS A 65 23.91 27.51 -11.01
CA LYS A 65 24.60 26.65 -10.05
C LYS A 65 25.09 25.38 -10.77
N GLN A 66 26.22 24.82 -10.34
CA GLN A 66 26.60 23.51 -10.87
C GLN A 66 25.64 22.45 -10.32
N PHE A 67 25.42 21.42 -11.13
CA PHE A 67 24.42 20.39 -10.79
C PHE A 67 24.58 19.79 -9.37
N PRO A 68 25.79 19.29 -9.00
CA PRO A 68 25.92 18.84 -7.61
C PRO A 68 25.56 19.90 -6.58
N VAL A 69 26.00 21.14 -6.78
CA VAL A 69 25.71 22.21 -5.84
C VAL A 69 24.21 22.42 -5.74
N PHE A 70 23.55 22.42 -6.89
CA PHE A 70 22.11 22.62 -6.90
C PHE A 70 21.38 21.54 -6.09
N CYS A 71 21.59 20.27 -6.42
CA CYS A 71 20.96 19.16 -5.69
C CYS A 71 21.17 19.33 -4.19
N SER A 72 22.43 19.53 -3.82
CA SER A 72 22.82 19.82 -2.46
C SER A 72 21.92 20.88 -1.81
N MET A 73 21.67 22.01 -2.50
CA MET A 73 20.77 23.07 -1.99
C MET A 73 19.34 22.55 -1.76
N LEU A 74 18.88 21.79 -2.73
CA LEU A 74 17.56 21.21 -2.72
C LEU A 74 17.44 20.24 -1.55
N GLU A 75 18.54 19.52 -1.27
CA GLU A 75 18.56 18.60 -0.09
C GLU A 75 18.45 19.45 1.19
N SER A 76 19.20 20.56 1.26
CA SER A 76 19.12 21.48 2.38
C SER A 76 17.72 22.06 2.52
N ALA A 77 17.12 22.40 1.39
CA ALA A 77 15.77 22.95 1.41
C ALA A 77 14.80 21.96 2.04
N VAL A 78 14.92 20.68 1.67
CA VAL A 78 14.01 19.65 2.21
C VAL A 78 14.29 19.37 3.68
N HIS A 79 15.55 19.38 4.09
CA HIS A 79 15.88 19.34 5.52
C HIS A 79 15.50 20.65 6.24
N LYS A 80 15.10 21.66 5.47
CA LYS A 80 14.79 22.98 6.00
C LYS A 80 16.00 23.50 6.79
N SER A 81 17.17 23.03 6.39
CA SER A 81 18.40 23.24 7.16
C SER A 81 19.24 24.43 6.70
N SER A 82 18.68 25.29 5.84
CA SER A 82 19.40 26.48 5.38
C SER A 82 18.45 27.67 5.21
N ASP A 83 18.97 28.86 5.48
CA ASP A 83 18.20 30.10 5.37
C ASP A 83 18.12 30.56 3.92
N SER A 84 19.19 30.29 3.19
CA SER A 84 19.28 30.74 1.83
C SER A 84 18.28 30.07 0.88
N VAL A 85 17.69 28.94 1.29
CA VAL A 85 16.80 28.20 0.40
C VAL A 85 15.48 27.77 1.03
N THR A 86 14.45 27.71 0.18
CA THR A 86 13.09 27.45 0.59
C THR A 86 12.38 26.86 -0.61
N LEU A 87 11.24 26.22 -0.39
CA LEU A 87 10.54 25.56 -1.47
C LEU A 87 9.11 26.07 -1.61
N ASP A 88 8.61 26.04 -2.85
CA ASP A 88 7.19 26.23 -3.08
C ASP A 88 6.71 25.22 -4.12
N LEU A 89 5.40 25.14 -4.27
CA LEU A 89 4.79 24.17 -5.17
C LEU A 89 3.53 24.79 -5.76
N LEU A 90 3.48 24.90 -7.08
CA LEU A 90 2.36 25.61 -7.70
C LEU A 90 2.12 25.16 -9.14
N THR A 91 0.93 25.48 -9.66
CA THR A 91 0.49 25.00 -10.96
C THR A 91 0.76 25.98 -12.08
N TYR A 92 0.69 25.48 -13.31
CA TYR A 92 0.93 26.28 -14.52
C TYR A 92 0.14 27.57 -14.51
N SER A 93 -1.00 27.57 -13.82
CA SER A 93 -1.79 28.78 -13.64
C SER A 93 -1.12 29.71 -12.63
N ASP A 94 -0.74 29.13 -11.48
CA ASP A 94 -0.03 29.87 -10.44
C ASP A 94 1.31 30.38 -10.92
N LEU A 95 1.88 29.66 -11.89
CA LEU A 95 3.20 29.97 -12.43
C LEU A 95 3.12 31.06 -13.48
N GLU A 96 2.07 31.01 -14.29
CA GLU A 96 1.80 32.02 -15.29
C GLU A 96 1.78 33.40 -14.66
N LEU A 97 1.11 33.51 -13.53
CA LEU A 97 0.92 34.79 -12.84
C LEU A 97 2.24 35.34 -12.31
N LEU A 98 3.12 34.44 -11.88
CA LEU A 98 4.41 34.82 -11.33
C LEU A 98 5.36 35.41 -12.39
N ARG A 99 5.25 34.90 -13.62
CA ARG A 99 6.10 35.37 -14.71
C ARG A 99 5.66 36.74 -15.21
N GLN A 114 -4.39 25.59 -21.65
CA GLN A 114 -3.60 24.54 -21.02
C GLN A 114 -4.27 23.18 -21.16
N SER A 115 -3.58 22.26 -21.82
CA SER A 115 -4.06 20.90 -21.97
C SER A 115 -4.22 20.21 -20.62
N PRO A 116 -5.07 19.16 -20.54
CA PRO A 116 -5.28 18.39 -19.31
C PRO A 116 -3.99 17.93 -18.62
N ALA A 117 -2.98 17.54 -19.41
CA ALA A 117 -1.68 17.18 -18.86
C ALA A 117 -1.06 18.35 -18.10
N LEU A 118 -1.06 19.52 -18.74
CA LEU A 118 -0.52 20.74 -18.14
C LEU A 118 -1.35 21.18 -16.93
N SER A 119 -2.67 21.03 -17.04
CA SER A 119 -3.59 21.41 -15.96
C SER A 119 -3.31 20.62 -14.69
N ALA A 120 -2.65 19.48 -14.86
CA ALA A 120 -2.38 18.55 -13.77
C ALA A 120 -0.99 18.73 -13.16
N LYS A 121 0.03 18.91 -14.00
CA LYS A 121 1.42 18.94 -13.53
C LYS A 121 1.70 20.05 -12.52
N ARG A 122 2.74 19.84 -11.71
CA ARG A 122 3.14 20.78 -10.66
C ARG A 122 4.58 21.24 -10.85
N TYR A 123 4.91 22.35 -10.21
CA TYR A 123 6.25 22.90 -10.28
C TYR A 123 6.83 23.06 -8.87
N LEU A 124 7.91 22.34 -8.58
CA LEU A 124 8.57 22.53 -7.31
C LEU A 124 9.55 23.67 -7.46
N ILE A 125 9.34 24.74 -6.70
CA ILE A 125 10.16 25.93 -6.78
C ILE A 125 11.25 25.92 -5.72
N LEU A 126 12.49 26.10 -6.13
CA LEU A 126 13.55 26.27 -5.17
C LEU A 126 13.85 27.75 -5.06
N ILE A 127 13.46 28.35 -3.94
CA ILE A 127 13.57 29.79 -3.76
C ILE A 127 14.85 30.17 -3.02
N TYR A 128 15.85 30.56 -3.82
CA TYR A 128 17.20 30.88 -3.34
C TYR A 128 17.39 32.38 -3.03
N THR A 129 17.87 32.67 -1.83
CA THR A 129 18.04 34.03 -1.35
C THR A 129 19.51 34.45 -1.33
N VAL A 130 19.81 35.60 -1.93
CA VAL A 130 21.21 36.11 -1.87
C VAL A 130 21.21 37.63 -1.96
N GLU A 131 22.04 38.32 -1.18
CA GLU A 131 22.14 39.80 -1.27
C GLU A 131 20.75 40.43 -1.07
N PHE A 132 20.27 41.18 -2.05
CA PHE A 132 18.98 41.90 -1.96
C PHE A 132 17.88 41.22 -2.77
N ASP A 133 18.07 40.02 -3.31
CA ASP A 133 16.99 39.47 -4.16
C ASP A 133 16.77 37.97 -3.91
N ARG A 134 15.66 37.46 -4.40
CA ARG A 134 15.38 36.02 -4.33
C ARG A 134 15.30 35.46 -5.74
N ILE A 135 15.96 34.33 -5.98
CA ILE A 135 15.87 33.67 -7.28
C ILE A 135 14.91 32.48 -7.18
N HIS A 136 14.01 32.35 -8.17
CA HIS A 136 13.03 31.28 -8.23
C HIS A 136 13.42 30.23 -9.26
N TYR A 137 13.73 29.03 -8.81
CA TYR A 137 14.07 27.92 -9.68
C TYR A 137 12.90 26.94 -9.85
N PRO A 138 12.24 26.95 -11.02
CA PRO A 138 11.13 26.01 -11.24
C PRO A 138 11.58 24.68 -11.83
N LEU A 139 11.18 23.60 -11.16
CA LEU A 139 11.35 22.25 -11.66
C LEU A 139 9.98 21.72 -12.08
N PRO A 140 9.85 21.29 -13.34
CA PRO A 140 8.58 20.72 -13.76
C PRO A 140 8.44 19.24 -13.35
N LEU A 141 7.38 18.96 -12.60
CA LEU A 141 7.06 17.62 -12.16
C LEU A 141 5.72 17.14 -12.74
N PRO A 142 5.78 16.29 -13.77
CA PRO A 142 4.63 15.61 -14.38
C PRO A 142 3.71 14.86 -13.39
N TYR A 143 2.44 14.74 -13.76
CA TYR A 143 1.48 13.95 -12.99
C TYR A 143 1.65 12.48 -13.35
N LEU A 144 1.59 11.63 -12.33
CA LEU A 144 1.71 10.19 -12.51
C LEU A 144 0.36 9.49 -12.41
N GLY A 145 -0.56 10.12 -11.70
CA GLY A 145 -1.84 9.53 -11.41
C GLY A 145 -1.85 9.10 -9.95
N LYS A 146 -2.94 8.50 -9.52
CA LYS A 146 -2.95 7.84 -8.23
C LYS A 146 -2.38 6.45 -8.48
N PRO A 147 -1.87 5.79 -7.45
CA PRO A 147 -1.25 4.48 -7.71
C PRO A 147 -2.22 3.30 -7.62
N ASP A 148 -1.86 2.24 -8.33
CA ASP A 148 -2.57 0.97 -8.28
C ASP A 148 -2.37 0.34 -6.91
N PRO A 149 -3.43 0.24 -6.09
CA PRO A 149 -3.18 -0.13 -4.69
C PRO A 149 -2.76 -1.60 -4.60
N ALA A 150 -3.12 -2.38 -5.60
CA ALA A 150 -2.57 -3.71 -5.81
C ALA A 150 -1.06 -3.63 -5.75
N GLU A 151 -0.49 -2.89 -6.68
CA GLU A 151 0.94 -2.63 -6.77
C GLU A 151 1.51 -2.22 -5.41
N LEU A 152 0.83 -1.29 -4.75
CA LEU A 152 1.24 -0.83 -3.43
C LEU A 152 1.22 -1.91 -2.35
N GLN A 153 0.31 -2.88 -2.46
CA GLN A 153 0.23 -3.94 -1.48
C GLN A 153 1.33 -4.96 -1.72
N LYS A 154 1.54 -5.28 -3.00
CA LYS A 154 2.61 -6.22 -3.38
C LYS A 154 3.93 -5.73 -2.82
N GLU A 155 4.10 -4.41 -2.84
CA GLU A 155 5.29 -3.75 -2.35
C GLU A 155 5.30 -3.70 -0.82
N ILE A 156 4.12 -3.60 -0.21
CA ILE A 156 4.02 -3.64 1.24
C ILE A 156 4.38 -5.04 1.72
N ARG A 157 3.97 -6.04 0.95
CA ARG A 157 4.30 -7.43 1.25
C ARG A 157 5.81 -7.67 1.22
N ALA A 158 6.48 -7.07 0.26
CA ALA A 158 7.93 -7.22 0.12
C ALA A 158 8.67 -6.60 1.30
N LEU A 159 8.24 -5.43 1.74
CA LEU A 159 8.92 -4.73 2.82
C LEU A 159 8.72 -5.46 4.15
N ARG A 160 7.54 -6.05 4.34
CA ARG A 160 7.26 -6.79 5.57
C ARG A 160 8.15 -8.03 5.70
N SER A 161 8.56 -8.61 4.57
CA SER A 161 9.40 -9.79 4.58
C SER A 161 10.87 -9.40 4.78
N GLU A 162 11.22 -8.18 4.40
CA GLU A 162 12.56 -7.66 4.65
C GLU A 162 12.77 -7.50 6.14
N LEU A 163 11.72 -7.03 6.83
CA LEU A 163 11.79 -6.76 8.26
C LEU A 163 11.83 -8.01 9.13
N LYS A 164 11.04 -9.03 8.75
CA LYS A 164 11.00 -10.28 9.52
C LYS A 164 12.37 -10.93 9.57
N THR A 165 12.96 -11.17 8.40
CA THR A 165 14.28 -11.78 8.29
C THR A 165 15.35 -10.97 9.03
N LEU A 166 15.23 -9.65 8.97
CA LEU A 166 16.17 -8.75 9.61
C LEU A 166 15.88 -8.58 11.10
N GLU B 5 -1.54 -21.45 17.71
CA GLU B 5 -2.27 -20.20 17.96
C GLU B 5 -1.56 -19.28 18.99
N VAL B 6 -2.35 -18.73 19.92
CA VAL B 6 -1.88 -17.98 21.10
C VAL B 6 -1.16 -16.63 20.82
N GLY B 7 -1.51 -15.95 19.75
CA GLY B 7 -0.91 -14.66 19.44
C GLY B 7 -0.29 -14.64 18.06
N THR B 8 -0.13 -15.82 17.48
CA THR B 8 0.59 -15.99 16.23
C THR B 8 -0.18 -15.46 15.00
N VAL B 9 0.58 -15.15 13.94
CA VAL B 9 0.03 -14.65 12.67
C VAL B 9 0.61 -15.43 11.50
N VAL B 10 -0.23 -16.04 10.69
CA VAL B 10 0.24 -16.72 9.49
C VAL B 10 -0.30 -16.05 8.24
N GLN B 11 0.59 -15.78 7.30
CA GLN B 11 0.19 -15.18 6.04
C GLN B 11 0.91 -15.89 4.91
N GLU B 12 0.16 -16.26 3.88
CA GLU B 12 0.71 -16.95 2.71
C GLU B 12 -0.06 -16.52 1.48
N GLU B 13 0.55 -16.65 0.30
CA GLU B 13 -0.18 -16.47 -0.96
C GLU B 13 -0.68 -17.83 -1.37
N MET B 14 -1.89 -17.91 -1.90
CA MET B 14 -2.35 -19.16 -2.49
C MET B 14 -3.39 -18.93 -3.58
N LYS B 15 -3.38 -19.83 -4.58
CA LYS B 15 -4.25 -19.70 -5.73
C LYS B 15 -5.57 -20.46 -5.49
N PHE B 16 -6.69 -19.74 -5.51
CA PHE B 16 -8.01 -20.32 -5.48
C PHE B 16 -8.65 -20.15 -6.84
N ARG B 17 -8.82 -21.25 -7.57
CA ARG B 17 -9.52 -21.25 -8.84
C ARG B 17 -8.89 -20.26 -9.84
N GLY B 18 -7.56 -20.33 -9.91
CA GLY B 18 -6.78 -19.55 -10.87
C GLY B 18 -6.64 -18.07 -10.58
N SER B 19 -6.48 -17.73 -9.31
CA SER B 19 -6.25 -16.35 -8.91
C SER B 19 -5.42 -16.32 -7.63
N GLU B 20 -4.35 -15.54 -7.64
CA GLU B 20 -3.49 -15.40 -6.49
C GLU B 20 -4.15 -14.50 -5.45
N PHE B 21 -4.26 -15.00 -4.22
CA PHE B 21 -4.77 -14.23 -3.10
C PHE B 21 -3.76 -14.21 -1.99
N ALA B 22 -3.75 -13.14 -1.21
CA ALA B 22 -2.98 -13.13 0.02
C ALA B 22 -3.92 -13.46 1.16
N VAL B 23 -3.54 -14.44 1.97
CA VAL B 23 -4.39 -14.86 3.08
C VAL B 23 -3.66 -14.64 4.38
N LYS B 24 -4.33 -14.00 5.33
CA LYS B 24 -3.74 -13.72 6.64
C LYS B 24 -4.65 -14.20 7.76
N VAL B 25 -4.16 -15.18 8.51
CA VAL B 25 -4.89 -15.64 9.67
C VAL B 25 -4.11 -15.22 10.91
N GLU B 26 -4.84 -14.80 11.94
CA GLU B 26 -4.24 -14.29 13.15
C GLU B 26 -5.10 -14.77 14.30
N MET B 27 -4.48 -15.50 15.22
CA MET B 27 -5.21 -16.04 16.39
C MET B 27 -4.85 -15.16 17.58
N ALA B 28 -5.86 -14.53 18.20
CA ALA B 28 -5.62 -13.64 19.33
C ALA B 28 -6.43 -14.11 20.53
N GLU B 29 -6.41 -13.31 21.60
CA GLU B 29 -7.08 -13.72 22.83
C GLU B 29 -8.58 -13.77 22.61
N ARG B 30 -9.07 -14.99 22.40
CA ARG B 30 -10.48 -15.27 22.19
C ARG B 30 -11.03 -14.58 20.94
N LEU B 31 -10.24 -14.54 19.87
CA LEU B 31 -10.72 -14.04 18.58
C LEU B 31 -9.85 -14.45 17.41
N LEU B 32 -10.47 -15.06 16.40
CA LEU B 32 -9.80 -15.45 15.18
C LEU B 32 -10.05 -14.46 14.06
N ILE B 33 -8.99 -14.00 13.41
CA ILE B 33 -9.13 -13.04 12.32
C ILE B 33 -8.62 -13.57 11.01
N VAL B 34 -9.49 -13.53 10.00
CA VAL B 34 -9.16 -13.94 8.64
C VAL B 34 -9.27 -12.73 7.69
N GLU B 35 -8.23 -12.51 6.89
CA GLU B 35 -8.16 -11.40 5.95
C GLU B 35 -7.72 -11.89 4.59
N ILE B 36 -8.51 -11.69 3.53
CA ILE B 36 -8.04 -12.07 2.19
C ILE B 36 -7.95 -10.90 1.20
N SER B 37 -6.86 -10.84 0.43
CA SER B 37 -6.63 -9.83 -0.60
C SER B 37 -6.45 -10.40 -2.01
N ASP B 38 -7.27 -9.96 -2.97
CA ASP B 38 -7.01 -10.25 -4.39
C ASP B 38 -5.72 -9.52 -4.81
N VAL B 39 -4.65 -10.23 -5.15
CA VAL B 39 -3.36 -9.55 -5.28
C VAL B 39 -3.28 -8.79 -6.59
N VAL B 40 -4.17 -9.14 -7.52
CA VAL B 40 -4.23 -8.45 -8.81
C VAL B 40 -5.18 -7.27 -8.73
N THR B 41 -6.35 -7.43 -8.13
CA THR B 41 -7.30 -6.33 -8.11
C THR B 41 -7.32 -5.55 -6.80
N ALA B 42 -6.58 -6.02 -5.81
CA ALA B 42 -6.48 -5.38 -4.48
C ALA B 42 -7.78 -5.35 -3.69
N ASP B 43 -8.79 -6.09 -4.14
CA ASP B 43 -10.02 -6.28 -3.37
C ASP B 43 -9.75 -7.03 -2.05
N GLN B 44 -10.56 -6.75 -1.04
CA GLN B 44 -10.32 -7.26 0.29
C GLN B 44 -11.57 -7.71 1.03
N TRP B 45 -11.46 -8.86 1.69
CA TRP B 45 -12.47 -9.32 2.63
C TRP B 45 -11.83 -9.67 3.98
N ARG B 46 -12.60 -9.43 5.04
CA ARG B 46 -12.09 -9.75 6.40
C ARG B 46 -13.23 -10.32 7.24
N GLY B 47 -12.89 -11.23 8.16
CA GLY B 47 -13.86 -11.82 9.08
C GLY B 47 -13.26 -11.85 10.48
N GLU B 48 -14.09 -11.64 11.49
CA GLU B 48 -13.70 -11.83 12.89
C GLU B 48 -14.65 -12.82 13.55
N PHE B 49 -14.09 -13.84 14.19
CA PHE B 49 -14.94 -14.85 14.81
C PHE B 49 -14.52 -15.17 16.24
N GLY B 50 -15.51 -15.19 17.14
CA GLY B 50 -15.26 -15.56 18.52
C GLY B 50 -15.29 -17.07 18.76
N PRO B 51 -14.82 -17.50 19.94
CA PRO B 51 -14.84 -18.93 20.27
C PRO B 51 -16.26 -19.51 20.23
N ALA B 52 -17.24 -18.76 20.71
CA ALA B 52 -18.62 -19.20 20.62
C ALA B 52 -19.08 -19.41 19.18
N TYR B 53 -18.86 -18.40 18.32
CA TYR B 53 -19.28 -18.50 16.92
C TYR B 53 -18.72 -19.78 16.29
N ILE B 54 -17.39 -19.85 16.28
CA ILE B 54 -16.65 -21.00 15.78
C ILE B 54 -17.11 -22.36 16.28
N GLU B 55 -17.14 -22.55 17.60
CA GLU B 55 -17.53 -23.84 18.18
C GLU B 55 -18.95 -24.22 17.80
N ASP B 56 -19.85 -23.24 17.84
CA ASP B 56 -21.23 -23.47 17.47
C ASP B 56 -21.33 -23.75 15.98
N LEU B 57 -20.35 -23.28 15.23
CA LEU B 57 -20.35 -23.50 13.79
C LEU B 57 -19.97 -24.94 13.45
N THR B 58 -18.95 -25.44 14.13
CA THR B 58 -18.52 -26.82 13.97
C THR B 58 -19.58 -27.83 14.48
N ARG B 59 -20.26 -27.50 15.57
CA ARG B 59 -21.34 -28.36 16.05
CA ARG B 59 -21.36 -28.34 16.06
C ARG B 59 -22.40 -28.56 14.97
N LYS B 60 -22.67 -27.52 14.19
CA LYS B 60 -23.68 -27.60 13.14
C LYS B 60 -23.34 -28.66 12.10
N THR B 61 -22.05 -28.92 11.98
CA THR B 61 -21.52 -29.86 10.98
C THR B 61 -21.55 -31.29 11.54
N GLY B 62 -21.91 -31.45 12.81
CA GLY B 62 -21.95 -32.75 13.45
C GLY B 62 -20.57 -33.19 13.89
N ASN B 63 -19.56 -32.40 13.51
CA ASN B 63 -18.18 -32.72 13.80
C ASN B 63 -17.49 -31.56 14.53
N PHE B 64 -17.77 -31.46 15.83
CA PHE B 64 -17.28 -30.41 16.71
C PHE B 64 -15.78 -30.25 16.65
N LYS B 65 -15.31 -29.01 16.84
CA LYS B 65 -13.92 -28.73 17.20
C LYS B 65 -13.90 -27.62 18.23
N GLN B 66 -12.95 -27.67 19.14
CA GLN B 66 -12.78 -26.58 20.08
C GLN B 66 -12.00 -25.47 19.39
N PHE B 67 -12.31 -24.23 19.77
CA PHE B 67 -11.75 -23.07 19.11
C PHE B 67 -10.23 -23.14 18.85
N PRO B 68 -9.42 -23.49 19.87
CA PRO B 68 -7.99 -23.56 19.54
C PRO B 68 -7.60 -24.61 18.50
N VAL B 69 -8.34 -25.72 18.47
CA VAL B 69 -8.06 -26.79 17.50
C VAL B 69 -8.41 -26.31 16.10
N PHE B 70 -9.56 -25.66 15.98
CA PHE B 70 -10.01 -25.08 14.71
C PHE B 70 -9.01 -24.06 14.17
N CYS B 71 -8.59 -23.13 15.02
CA CYS B 71 -7.57 -22.19 14.59
C CYS B 71 -6.31 -22.93 14.18
N SER B 72 -5.99 -24.00 14.89
CA SER B 72 -4.79 -24.74 14.55
C SER B 72 -4.97 -25.46 13.21
N MET B 73 -6.19 -25.93 12.96
CA MET B 73 -6.49 -26.57 11.69
C MET B 73 -6.28 -25.57 10.56
N LEU B 74 -6.91 -24.41 10.72
CA LEU B 74 -6.84 -23.29 9.79
C LEU B 74 -5.39 -22.86 9.48
N GLU B 75 -4.61 -22.57 10.51
CA GLU B 75 -3.18 -22.36 10.36
C GLU B 75 -2.56 -23.44 9.47
N SER B 76 -2.86 -24.70 9.76
CA SER B 76 -2.29 -25.87 9.04
C SER B 76 -2.67 -25.85 7.56
N ALA B 77 -3.93 -25.50 7.28
CA ALA B 77 -4.46 -25.41 5.93
C ALA B 77 -3.80 -24.27 5.14
N VAL B 78 -3.62 -23.13 5.80
CA VAL B 78 -2.92 -22.03 5.16
C VAL B 78 -1.48 -22.45 4.89
N HIS B 79 -0.85 -23.11 5.86
CA HIS B 79 0.54 -23.52 5.70
C HIS B 79 0.71 -24.71 4.77
N LYS B 80 -0.39 -25.24 4.25
CA LYS B 80 -0.38 -26.48 3.48
C LYS B 80 0.54 -27.54 4.12
N SER B 81 0.41 -27.73 5.44
CA SER B 81 1.33 -28.58 6.17
C SER B 81 0.65 -29.83 6.77
N SER B 82 -0.50 -30.18 6.21
CA SER B 82 -1.34 -31.25 6.72
C SER B 82 -2.31 -31.72 5.64
N ASP B 83 -2.26 -33.00 5.28
CA ASP B 83 -3.07 -33.48 4.20
C ASP B 83 -4.56 -33.58 4.51
N SER B 84 -4.96 -33.20 5.71
CA SER B 84 -6.31 -33.55 6.08
C SER B 84 -7.17 -32.32 5.98
N VAL B 85 -6.51 -31.19 5.80
CA VAL B 85 -7.19 -29.90 5.70
C VAL B 85 -6.77 -29.10 4.47
N THR B 86 -7.74 -28.42 3.87
CA THR B 86 -7.55 -27.68 2.63
C THR B 86 -8.50 -26.49 2.63
N LEU B 87 -8.16 -25.44 1.90
CA LEU B 87 -9.04 -24.26 1.77
C LEU B 87 -9.71 -24.13 0.40
N ASP B 88 -10.76 -23.33 0.38
CA ASP B 88 -11.42 -22.93 -0.85
C ASP B 88 -12.13 -21.61 -0.63
N LEU B 89 -12.37 -20.87 -1.72
CA LEU B 89 -12.96 -19.53 -1.64
C LEU B 89 -14.13 -19.41 -2.58
N LEU B 90 -15.31 -19.13 -2.05
CA LEU B 90 -16.53 -19.17 -2.85
C LEU B 90 -17.41 -17.94 -2.69
N THR B 91 -18.26 -17.71 -3.69
CA THR B 91 -19.27 -16.67 -3.61
C THR B 91 -20.59 -17.29 -3.21
N TYR B 92 -21.53 -16.49 -2.74
CA TYR B 92 -22.80 -17.04 -2.27
C TYR B 92 -23.50 -17.83 -3.39
N SER B 93 -23.39 -17.35 -4.63
CA SER B 93 -23.98 -18.06 -5.75
C SER B 93 -23.37 -19.45 -5.89
N ASP B 94 -22.04 -19.50 -5.85
CA ASP B 94 -21.30 -20.76 -5.85
C ASP B 94 -21.71 -21.65 -4.68
N LEU B 95 -21.85 -21.02 -3.52
CA LEU B 95 -22.14 -21.74 -2.29
C LEU B 95 -23.50 -22.44 -2.33
N GLU B 96 -24.50 -21.78 -2.90
CA GLU B 96 -25.83 -22.37 -2.98
C GLU B 96 -25.83 -23.59 -3.88
N LEU B 97 -25.23 -23.44 -5.06
CA LEU B 97 -25.28 -24.48 -6.12
C LEU B 97 -24.74 -25.80 -5.58
N LEU B 98 -23.68 -25.77 -4.77
CA LEU B 98 -23.08 -26.98 -4.22
C LEU B 98 -23.89 -27.55 -3.06
N ARG B 99 -24.92 -26.83 -2.64
CA ARG B 99 -25.84 -27.32 -1.62
C ARG B 99 -27.28 -27.34 -2.14
N ASN B 100 -27.60 -26.44 -3.06
CA ASN B 100 -28.93 -26.40 -3.67
C ASN B 100 -29.11 -27.48 -4.74
N ARG B 101 -28.08 -27.69 -5.57
CA ARG B 101 -28.11 -28.76 -6.56
C ARG B 101 -27.99 -30.11 -5.87
N LYS B 102 -27.48 -30.10 -4.64
CA LYS B 102 -27.39 -31.31 -3.83
C LYS B 102 -28.79 -31.89 -3.58
N ALA B 103 -29.79 -31.02 -3.56
CA ALA B 103 -31.18 -31.44 -3.38
C ALA B 103 -31.92 -31.50 -4.72
N PRO B 113 -31.95 -11.83 -5.84
CA PRO B 113 -32.18 -12.00 -4.41
C PRO B 113 -30.88 -11.80 -3.61
N GLN B 114 -30.13 -10.77 -3.97
CA GLN B 114 -28.83 -10.52 -3.35
C GLN B 114 -28.59 -9.07 -2.95
N SER B 115 -28.49 -8.85 -1.65
CA SER B 115 -28.14 -7.54 -1.09
C SER B 115 -26.66 -7.21 -1.33
N PRO B 116 -26.34 -5.90 -1.43
CA PRO B 116 -24.99 -5.35 -1.57
C PRO B 116 -23.91 -6.03 -0.75
N ALA B 117 -24.15 -6.18 0.55
CA ALA B 117 -23.16 -6.73 1.47
C ALA B 117 -22.90 -8.24 1.24
N LEU B 118 -23.99 -8.96 0.97
CA LEU B 118 -23.94 -10.39 0.67
C LEU B 118 -23.34 -10.70 -0.70
N SER B 119 -23.68 -9.87 -1.67
CA SER B 119 -23.26 -10.06 -3.08
C SER B 119 -21.74 -10.04 -3.21
N ALA B 120 -21.09 -9.22 -2.39
CA ALA B 120 -19.67 -9.03 -2.60
C ALA B 120 -18.90 -9.93 -1.62
N LYS B 121 -19.65 -10.46 -0.67
CA LYS B 121 -19.15 -11.40 0.33
C LYS B 121 -18.47 -12.61 -0.29
N ARG B 122 -17.34 -13.00 0.29
CA ARG B 122 -16.66 -14.28 -0.01
C ARG B 122 -16.76 -15.27 1.15
N TYR B 123 -16.87 -16.56 0.85
CA TYR B 123 -16.87 -17.62 1.88
C TYR B 123 -15.61 -18.44 1.84
N LEU B 124 -14.80 -18.36 2.90
CA LEU B 124 -13.60 -19.20 3.05
C LEU B 124 -13.99 -20.55 3.63
N ILE B 125 -13.81 -21.58 2.82
CA ILE B 125 -14.30 -22.89 3.16
C ILE B 125 -13.14 -23.74 3.62
N LEU B 126 -13.08 -23.99 4.93
CA LEU B 126 -12.12 -24.92 5.50
C LEU B 126 -12.60 -26.35 5.31
N ILE B 127 -11.86 -27.13 4.53
CA ILE B 127 -12.29 -28.48 4.14
C ILE B 127 -11.51 -29.63 4.81
N TYR B 128 -12.21 -30.38 5.65
CA TYR B 128 -11.61 -31.42 6.50
C TYR B 128 -11.90 -32.82 6.01
N THR B 129 -10.86 -33.53 5.58
CA THR B 129 -11.02 -34.88 5.03
C THR B 129 -10.21 -35.95 5.77
N VAL B 130 -10.94 -36.80 6.48
CA VAL B 130 -10.31 -37.87 7.23
C VAL B 130 -11.01 -39.15 6.83
N GLU B 131 -10.55 -40.29 7.31
CA GLU B 131 -10.94 -41.55 6.69
C GLU B 131 -12.45 -41.80 6.70
N PHE B 132 -13.18 -41.27 7.69
CA PHE B 132 -14.62 -41.52 7.72
C PHE B 132 -15.46 -40.27 7.81
N ASP B 133 -14.83 -39.12 7.78
CA ASP B 133 -15.57 -37.86 7.71
C ASP B 133 -15.09 -37.04 6.54
N ARG B 134 -16.03 -36.27 5.96
CA ARG B 134 -15.79 -35.31 4.85
C ARG B 134 -16.53 -34.05 5.25
N ILE B 135 -15.84 -33.10 5.91
CA ILE B 135 -16.52 -31.94 6.45
C ILE B 135 -16.10 -30.61 5.80
N HIS B 136 -17.07 -29.76 5.47
CA HIS B 136 -16.75 -28.40 4.98
C HIS B 136 -17.09 -27.34 6.06
N TYR B 137 -16.09 -26.65 6.57
CA TYR B 137 -16.34 -25.58 7.53
C TYR B 137 -16.25 -24.21 6.85
N PRO B 138 -17.38 -23.48 6.75
CA PRO B 138 -17.50 -22.19 6.07
C PRO B 138 -17.26 -20.97 6.94
N LEU B 139 -16.31 -20.15 6.53
CA LEU B 139 -16.06 -18.85 7.19
C LEU B 139 -16.46 -17.66 6.27
N PRO B 140 -17.54 -16.96 6.63
CA PRO B 140 -18.06 -15.88 5.80
C PRO B 140 -17.25 -14.59 5.94
N LEU B 141 -16.73 -14.09 4.83
CA LEU B 141 -15.94 -12.84 4.81
C LEU B 141 -16.65 -11.71 4.03
N PRO B 142 -17.07 -10.65 4.75
CA PRO B 142 -17.59 -9.40 4.17
C PRO B 142 -16.61 -8.69 3.21
N TYR B 143 -17.11 -8.17 2.10
CA TYR B 143 -16.29 -7.36 1.18
C TYR B 143 -15.94 -6.04 1.84
N LEU B 144 -14.65 -5.77 1.99
CA LEU B 144 -14.18 -4.58 2.76
C LEU B 144 -13.79 -3.41 1.87
N GLY B 145 -14.03 -3.53 0.56
CA GLY B 145 -13.64 -2.50 -0.37
C GLY B 145 -12.19 -2.67 -0.78
N LYS B 146 -11.74 -1.78 -1.65
CA LYS B 146 -10.33 -1.66 -1.97
C LYS B 146 -9.73 -0.79 -0.89
N PRO B 147 -8.41 -0.92 -0.63
CA PRO B 147 -7.86 -0.03 0.39
C PRO B 147 -7.58 1.39 -0.11
N ASP B 148 -7.28 2.27 0.84
CA ASP B 148 -7.00 3.67 0.59
C ASP B 148 -5.52 3.86 0.24
N PRO B 149 -5.24 4.30 -1.00
CA PRO B 149 -3.84 4.31 -1.45
C PRO B 149 -2.99 5.28 -0.62
N ALA B 150 -3.65 6.26 -0.01
CA ALA B 150 -3.00 7.14 0.95
C ALA B 150 -2.36 6.32 2.07
N GLU B 151 -3.20 5.61 2.81
CA GLU B 151 -2.76 4.91 4.02
C GLU B 151 -1.70 3.87 3.69
N LEU B 152 -1.87 3.18 2.56
CA LEU B 152 -0.82 2.29 2.07
C LEU B 152 0.51 3.05 1.92
N GLN B 153 0.51 4.15 1.17
CA GLN B 153 1.69 4.97 1.04
C GLN B 153 2.14 5.50 2.39
N LYS B 154 1.19 5.99 3.19
CA LYS B 154 1.45 6.50 4.54
C LYS B 154 2.22 5.47 5.34
N GLU B 155 1.82 4.22 5.14
CA GLU B 155 2.37 3.07 5.81
C GLU B 155 3.69 2.60 5.18
N ILE B 156 3.78 2.60 3.86
CA ILE B 156 5.03 2.28 3.19
C ILE B 156 6.14 3.24 3.61
N ARG B 157 5.80 4.50 3.84
CA ARG B 157 6.79 5.46 4.27
C ARG B 157 7.26 5.15 5.68
N ALA B 158 6.47 4.40 6.43
CA ALA B 158 6.88 3.94 7.76
C ALA B 158 7.87 2.77 7.66
N LEU B 159 7.54 1.75 6.89
CA LEU B 159 8.41 0.59 6.71
C LEU B 159 9.78 0.96 6.12
N ARG B 160 9.78 1.92 5.21
CA ARG B 160 11.02 2.33 4.55
C ARG B 160 12.06 2.84 5.56
N SER B 161 11.58 3.48 6.61
CA SER B 161 12.44 4.10 7.62
C SER B 161 12.94 3.09 8.66
N GLU B 162 12.09 2.13 9.01
CA GLU B 162 12.47 1.08 9.97
C GLU B 162 13.52 0.17 9.34
N LEU B 163 13.35 -0.10 8.05
CA LEU B 163 14.31 -0.87 7.27
C LEU B 163 15.70 -0.23 7.25
N LYS B 164 15.71 1.10 7.06
CA LYS B 164 16.97 1.89 6.98
C LYS B 164 17.55 2.05 8.38
N THR B 165 16.70 1.94 9.40
CA THR B 165 17.16 2.07 10.81
C THR B 165 18.17 0.97 11.12
N LEU B 166 17.92 -0.25 10.63
CA LEU B 166 18.85 -1.39 10.86
C LEU B 166 19.84 -1.49 9.69
#